data_5K68
#
_entry.id   5K68
#
_cell.length_a   57.690
_cell.length_b   57.690
_cell.length_c   183.610
_cell.angle_alpha   90.00
_cell.angle_beta   90.00
_cell.angle_gamma   90.00
#
_symmetry.space_group_name_H-M   'I 41 2 2'
#
loop_
_entity.id
_entity.type
_entity.pdbx_description
1 polymer Streptavidin
2 non-polymer [CuII(biot-bu-dpea)]2+
3 water water
#
_entity_poly.entity_id   1
_entity_poly.type   'polypeptide(L)'
_entity_poly.pdbx_seq_one_letter_code
;MASMTGGQQMGRDEAGITGTWYNQLGSTFIVTAGADGALTGTYESAVGNAESRYVLTGRYDSAPATDGSGTALGWTVAWK
NNYRNAHSATTWSGQYVGGAEARINTQWLLTCGTTEANAWKSTLVGHDTFTKVKPSAASIDAAKKAGVNNGNPLDAVQQ
;
_entity_poly.pdbx_strand_id   A
#
# COMPACT_ATOMS: atom_id res chain seq x y z
N ARG A 12 -17.37 0.53 8.98
CA ARG A 12 -17.06 0.56 7.60
C ARG A 12 -16.65 1.96 7.15
N ASP A 13 -15.45 1.80 6.70
CA ASP A 13 -14.65 2.89 6.19
C ASP A 13 -14.52 2.63 4.71
N GLU A 14 -15.51 1.99 4.08
CA GLU A 14 -15.43 1.76 2.61
C GLU A 14 -15.24 3.19 1.94
N ALA A 15 -16.02 4.13 2.39
CA ALA A 15 -15.94 5.45 1.84
C ALA A 15 -14.69 6.23 2.17
N GLY A 16 -14.26 6.07 3.43
CA GLY A 16 -13.09 6.76 3.95
C GLY A 16 -11.81 6.31 3.24
N ILE A 17 -11.75 5.04 2.90
CA ILE A 17 -10.50 4.49 2.35
C ILE A 17 -10.48 4.71 0.82
N THR A 18 -11.58 4.58 0.13
CA THR A 18 -11.62 4.74 -1.32
C THR A 18 -11.19 6.12 -1.73
N GLY A 19 -10.29 6.12 -2.72
CA GLY A 19 -9.80 7.39 -3.29
C GLY A 19 -8.29 7.37 -3.53
N THR A 20 -7.73 8.56 -3.62
CA THR A 20 -6.34 8.81 -3.93
C THR A 20 -5.62 9.23 -2.68
N TRP A 21 -4.46 8.59 -2.45
CA TRP A 21 -3.63 8.87 -1.31
C TRP A 21 -2.21 9.14 -1.76
N TYR A 22 -1.46 9.93 -0.91
CA TYR A 22 -0.12 10.31 -1.26
C TYR A 22 0.77 10.05 -0.05
N ASN A 23 1.97 9.54 -0.27
CA ASN A 23 2.89 9.30 0.84
C ASN A 23 3.99 10.39 0.93
N GLN A 24 4.85 10.21 1.90
CA GLN A 24 5.92 11.20 2.15
C GLN A 24 7.00 11.26 1.09
N LEU A 25 7.05 10.25 0.24
CA LEU A 25 7.98 10.19 -0.87
C LEU A 25 7.38 10.84 -2.12
N GLY A 26 6.10 11.15 -2.09
CA GLY A 26 5.41 11.65 -3.25
C GLY A 26 4.80 10.57 -4.17
N SER A 27 4.75 9.33 -3.67
CA SER A 27 4.06 8.26 -4.35
C SER A 27 2.50 8.43 -4.30
N THR A 28 1.80 7.85 -5.25
CA THR A 28 0.34 7.97 -5.37
C THR A 28 -0.26 6.56 -5.34
N PHE A 29 -1.20 6.40 -4.45
CA PHE A 29 -1.91 5.12 -4.18
C PHE A 29 -3.42 5.40 -4.47
N ILE A 30 -3.98 4.78 -5.46
CA ILE A 30 -5.35 4.96 -5.86
C ILE A 30 -6.05 3.62 -5.57
N VAL A 31 -7.05 3.66 -4.68
CA VAL A 31 -7.67 2.44 -4.22
C VAL A 31 -9.20 2.54 -4.18
N THR A 32 -9.83 1.39 -4.42
CA THR A 32 -11.23 1.22 -4.17
C THR A 32 -11.35 0.12 -3.14
N ALA A 33 -12.12 0.44 -2.09
CA ALA A 33 -12.50 -0.51 -0.97
C ALA A 33 -13.85 -1.04 -1.28
N GLY A 34 -13.95 -2.36 -1.35
CA GLY A 34 -15.20 -3.11 -1.58
C GLY A 34 -15.94 -3.39 -0.29
N ALA A 35 -17.24 -3.67 -0.40
CA ALA A 35 -18.03 -3.87 0.84
C ALA A 35 -17.60 -5.03 1.67
N ASP A 36 -17.07 -6.06 0.99
CA ASP A 36 -16.68 -7.41 1.46
C ASP A 36 -15.21 -7.43 2.01
N GLY A 37 -14.50 -6.29 1.96
CA GLY A 37 -13.11 -6.30 2.41
C GLY A 37 -12.05 -6.13 1.32
N ALA A 38 -12.42 -6.11 0.05
CA ALA A 38 -11.39 -6.04 -0.98
C ALA A 38 -10.82 -4.66 -1.15
N LEU A 39 -9.52 -4.61 -1.47
CA LEU A 39 -8.86 -3.44 -1.96
C LEU A 39 -8.33 -3.72 -3.35
N THR A 40 -8.60 -2.78 -4.24
CA THR A 40 -8.12 -2.87 -5.66
C THR A 40 -7.70 -1.50 -6.08
N GLY A 41 -6.63 -1.42 -6.92
CA GLY A 41 -6.27 -0.13 -7.44
C GLY A 41 -4.93 -0.16 -8.14
N THR A 42 -4.29 1.01 -8.04
CA THR A 42 -2.96 1.21 -8.69
C THR A 42 -2.07 1.98 -7.79
N TYR A 43 -0.76 1.77 -7.97
CA TYR A 43 0.26 2.43 -7.19
C TYR A 43 1.28 2.99 -8.17
N GLU A 44 1.72 4.20 -7.90
CA GLU A 44 2.78 4.84 -8.71
C GLU A 44 3.85 5.33 -7.71
N SER A 45 5.06 4.70 -7.74
CA SER A 45 6.14 5.10 -6.86
C SER A 45 6.91 6.28 -7.40
N ALA A 46 7.16 7.23 -6.54
CA ALA A 46 8.05 8.37 -6.84
C ALA A 46 9.51 7.97 -6.86
N VAL A 47 9.84 6.81 -6.30
CA VAL A 47 11.27 6.37 -6.17
C VAL A 47 11.45 4.93 -6.63
N GLY A 48 12.71 4.57 -6.85
CA GLY A 48 13.08 3.24 -7.17
C GLY A 48 12.95 2.83 -8.60
N ASN A 49 12.98 1.54 -8.86
CA ASN A 49 12.98 0.99 -10.23
C ASN A 49 11.54 0.80 -10.70
N ALA A 50 10.89 1.91 -10.99
CA ALA A 50 9.42 1.98 -11.19
C ALA A 50 9.15 3.12 -12.13
N GLU A 51 8.16 2.87 -12.96
CA GLU A 51 7.58 3.92 -13.78
C GLU A 51 6.10 3.67 -14.01
N SER A 52 5.33 4.74 -13.96
CA SER A 52 3.90 4.67 -14.19
C SER A 52 3.16 3.82 -13.13
N ARG A 53 1.98 3.32 -13.48
CA ARG A 53 1.15 2.64 -12.50
C ARG A 53 1.38 1.15 -12.50
N TYR A 54 1.24 0.52 -11.32
CA TYR A 54 1.25 -0.89 -11.09
C TYR A 54 -0.03 -1.34 -10.40
N VAL A 55 -0.47 -2.54 -10.74
CA VAL A 55 -1.65 -3.10 -10.09
C VAL A 55 -1.36 -3.37 -8.65
N LEU A 56 -2.35 -3.04 -7.82
CA LEU A 56 -2.33 -3.50 -6.43
C LEU A 56 -3.64 -4.24 -6.07
N THR A 57 -3.50 -5.12 -5.07
CA THR A 57 -4.67 -5.74 -4.44
C THR A 57 -4.37 -5.90 -2.98
N GLY A 58 -5.45 -5.91 -2.20
CA GLY A 58 -5.29 -6.15 -0.79
C GLY A 58 -6.58 -6.38 -0.08
N ARG A 59 -6.54 -6.19 1.23
CA ARG A 59 -7.73 -6.50 2.09
C ARG A 59 -7.74 -5.47 3.21
N TYR A 60 -8.97 -5.24 3.76
CA TYR A 60 -9.14 -4.41 4.93
C TYR A 60 -10.26 -5.00 5.78
N ASP A 61 -10.22 -4.64 7.06
CA ASP A 61 -11.26 -5.01 8.00
C ASP A 61 -12.51 -4.16 7.70
N SER A 62 -13.54 -4.81 7.20
CA SER A 62 -14.77 -4.07 6.81
C SER A 62 -15.70 -3.79 7.99
N ALA A 63 -15.37 -4.32 9.18
CA ALA A 63 -16.21 -4.11 10.38
C ALA A 63 -15.30 -3.83 11.58
N PRO A 64 -14.56 -2.72 11.53
CA PRO A 64 -13.61 -2.36 12.62
C PRO A 64 -14.29 -2.18 13.99
N ALA A 65 -13.46 -2.17 14.98
CA ALA A 65 -13.90 -1.84 16.36
C ALA A 65 -14.40 -0.40 16.40
N THR A 66 -15.32 -0.15 17.30
CA THR A 66 -15.97 1.15 17.35
C THR A 66 -15.49 1.95 18.54
N ASP A 67 -14.31 1.62 19.03
CA ASP A 67 -13.74 2.14 20.22
C ASP A 67 -12.66 3.18 19.95
N GLY A 68 -12.62 3.76 18.76
CA GLY A 68 -11.58 4.70 18.39
C GLY A 68 -10.34 4.05 17.76
N SER A 69 -10.30 2.77 17.68
CA SER A 69 -9.24 2.08 17.00
C SER A 69 -9.28 2.37 15.53
N GLY A 70 -8.11 2.26 14.93
CA GLY A 70 -7.99 2.26 13.47
C GLY A 70 -8.49 1.01 12.80
N THR A 71 -8.42 1.05 11.48
CA THR A 71 -8.93 -0.04 10.60
C THR A 71 -7.73 -0.74 9.96
N ALA A 72 -7.51 -2.00 10.32
CA ALA A 72 -6.37 -2.75 9.78
C ALA A 72 -6.58 -3.05 8.30
N LEU A 73 -5.46 -2.97 7.58
CA LEU A 73 -5.48 -3.27 6.14
C LEU A 73 -4.04 -3.62 5.63
N GLY A 74 -4.00 -4.13 4.42
CA GLY A 74 -2.77 -4.36 3.74
C GLY A 74 -2.96 -4.52 2.28
N TRP A 75 -1.86 -4.29 1.54
CA TRP A 75 -1.91 -4.51 0.08
C TRP A 75 -0.50 -4.86 -0.45
N THR A 76 -0.52 -5.39 -1.70
CA THR A 76 0.69 -5.83 -2.38
C THR A 76 0.76 -5.17 -3.74
N VAL A 77 1.97 -4.79 -4.13
CA VAL A 77 2.34 -4.46 -5.51
C VAL A 77 3.55 -5.35 -5.94
N ALA A 78 3.36 -6.07 -7.07
CA ALA A 78 4.51 -6.69 -7.72
C ALA A 78 4.98 -5.69 -8.79
N TRP A 79 6.30 -5.40 -8.78
CA TRP A 79 6.81 -4.26 -9.57
C TRP A 79 7.07 -4.61 -11.04
N LYS A 80 6.08 -5.25 -11.67
CA LYS A 80 6.02 -5.55 -13.08
C LYS A 80 4.86 -4.85 -13.67
N ASN A 81 5.10 -4.11 -14.74
CA ASN A 81 4.00 -3.51 -15.53
C ASN A 81 4.47 -3.53 -17.04
N ASN A 82 3.79 -2.83 -17.90
CA ASN A 82 4.21 -2.87 -19.34
C ASN A 82 5.48 -2.19 -19.62
N TYR A 83 5.96 -1.39 -18.70
CA TYR A 83 7.18 -0.60 -18.84
C TYR A 83 8.44 -1.20 -18.26
N ARG A 84 8.34 -1.86 -17.11
CA ARG A 84 9.52 -2.26 -16.35
C ARG A 84 9.15 -3.50 -15.55
N ASN A 85 10.16 -4.26 -15.21
CA ASN A 85 10.06 -5.34 -14.26
C ASN A 85 11.24 -5.34 -13.32
N ALA A 86 10.99 -4.90 -12.07
CA ALA A 86 11.96 -4.81 -11.02
C ALA A 86 12.15 -6.13 -10.23
N HIS A 87 11.47 -7.22 -10.64
CA HIS A 87 11.60 -8.52 -9.99
C HIS A 87 11.58 -8.36 -8.46
N SER A 88 10.45 -7.81 -8.01
CA SER A 88 10.33 -7.51 -6.60
C SER A 88 8.88 -7.23 -6.29
N ALA A 89 8.54 -7.31 -5.02
CA ALA A 89 7.14 -7.06 -4.58
C ALA A 89 7.20 -6.33 -3.21
N THR A 90 6.33 -5.36 -3.03
CA THR A 90 6.20 -4.70 -1.71
C THR A 90 4.84 -5.04 -1.19
N THR A 91 4.85 -5.32 0.12
CA THR A 91 3.57 -5.37 0.89
C THR A 91 3.56 -4.28 1.98
N TRP A 92 2.45 -3.56 2.04
CA TRP A 92 2.21 -2.61 3.10
C TRP A 92 1.21 -3.18 4.03
N SER A 93 1.51 -3.06 5.34
CA SER A 93 0.62 -3.54 6.41
C SER A 93 0.43 -2.34 7.32
N GLY A 94 -0.86 -2.01 7.63
CA GLY A 94 -1.03 -0.83 8.43
C GLY A 94 -2.47 -0.63 8.92
N GLN A 95 -2.78 0.61 9.24
CA GLN A 95 -4.10 0.95 9.62
C GLN A 95 -4.54 2.28 9.08
N TYR A 96 -5.80 2.34 8.74
CA TYR A 96 -6.52 3.60 8.37
C TYR A 96 -6.99 4.26 9.64
N VAL A 97 -6.75 5.57 9.75
CA VAL A 97 -7.27 6.36 10.87
C VAL A 97 -8.05 7.48 10.19
N GLY A 98 -9.36 7.57 10.55
CA GLY A 98 -10.27 8.56 9.82
C GLY A 98 -10.26 9.90 10.51
N GLY A 99 -11.02 10.88 10.01
CA GLY A 99 -11.24 12.19 10.73
C GLY A 99 -10.60 13.25 9.89
N ALA A 100 -10.41 14.43 10.39
CA ALA A 100 -10.18 15.59 9.50
C ALA A 100 -8.83 15.54 8.83
N GLU A 101 -7.91 14.88 9.52
CA GLU A 101 -6.64 14.57 8.95
C GLU A 101 -6.51 13.05 8.83
N ALA A 102 -7.31 12.48 7.93
CA ALA A 102 -7.20 11.04 7.72
C ALA A 102 -5.87 10.61 7.27
N ARG A 103 -5.47 9.43 7.73
CA ARG A 103 -4.17 8.86 7.33
C ARG A 103 -4.20 7.39 7.20
N ILE A 104 -3.34 6.83 6.38
CA ILE A 104 -3.04 5.41 6.43
C ILE A 104 -1.62 5.29 6.91
N ASN A 105 -1.38 4.68 8.05
CA ASN A 105 -0.01 4.51 8.61
C ASN A 105 0.44 3.12 8.41
N THR A 106 1.53 2.95 7.66
CA THR A 106 2.01 1.62 7.26
C THR A 106 3.45 1.33 7.58
N GLN A 107 3.76 0.05 7.66
CA GLN A 107 5.09 -0.50 7.56
C GLN A 107 5.07 -1.42 6.31
N TRP A 108 6.24 -1.52 5.64
CA TRP A 108 6.27 -2.30 4.44
C TRP A 108 7.49 -3.18 4.35
N LEU A 109 7.34 -4.23 3.57
CA LEU A 109 8.42 -5.17 3.27
C LEU A 109 8.54 -5.32 1.74
N LEU A 110 9.72 -5.06 1.23
CA LEU A 110 9.98 -5.14 -0.23
C LEU A 110 10.99 -6.31 -0.40
N THR A 111 10.49 -7.39 -1.04
CA THR A 111 11.32 -8.55 -1.33
C THR A 111 11.71 -8.54 -2.81
N CYS A 112 13.05 -8.73 -3.02
CA CYS A 112 13.56 -8.95 -4.36
C CYS A 112 13.62 -10.45 -4.62
N GLY A 113 13.39 -10.86 -5.88
CA GLY A 113 13.79 -12.21 -6.27
C GLY A 113 15.31 -12.30 -6.27
N THR A 114 15.87 -13.29 -5.62
CA THR A 114 17.33 -13.40 -5.45
C THR A 114 17.73 -14.89 -5.68
N THR A 115 19.03 -15.07 -5.91
CA THR A 115 19.55 -16.44 -5.75
C THR A 115 19.48 -16.84 -4.27
N GLU A 116 19.69 -18.16 -3.97
CA GLU A 116 19.70 -18.62 -2.59
C GLU A 116 20.86 -17.93 -1.86
N ALA A 117 22.02 -17.86 -2.50
CA ALA A 117 23.18 -17.23 -1.89
C ALA A 117 22.94 -15.81 -1.45
N ASN A 118 22.07 -15.09 -2.12
CA ASN A 118 21.80 -13.73 -1.81
C ASN A 118 20.49 -13.50 -1.03
N ALA A 119 19.84 -14.55 -0.62
CA ALA A 119 18.53 -14.43 0.03
C ALA A 119 18.63 -13.68 1.33
N TRP A 120 19.75 -13.67 2.02
CA TRP A 120 19.88 -12.93 3.25
C TRP A 120 19.68 -11.45 3.08
N LYS A 121 19.95 -10.95 1.88
CA LYS A 121 19.88 -9.54 1.55
C LYS A 121 18.67 -9.24 0.59
N SER A 122 17.65 -10.11 0.63
CA SER A 122 16.54 -9.93 -0.26
C SER A 122 15.45 -8.91 0.15
N THR A 123 15.38 -8.55 1.44
CA THR A 123 14.20 -7.84 1.88
C THR A 123 14.52 -6.51 2.61
N LEU A 124 13.94 -5.42 2.05
CA LEU A 124 13.99 -4.10 2.67
C LEU A 124 12.72 -3.92 3.52
N VAL A 125 12.88 -3.12 4.58
CA VAL A 125 11.74 -2.77 5.44
C VAL A 125 11.77 -1.23 5.57
N GLY A 126 10.55 -0.66 5.62
CA GLY A 126 10.40 0.74 5.84
C GLY A 126 8.99 1.08 6.28
N HIS A 127 8.68 2.40 6.29
CA HIS A 127 7.42 2.85 6.77
C HIS A 127 6.94 4.01 5.92
N ASP A 128 5.69 3.99 5.52
CA ASP A 128 5.07 5.05 4.73
C ASP A 128 3.79 5.53 5.40
N THR A 129 3.62 6.86 5.38
CA THR A 129 2.40 7.45 5.87
C THR A 129 1.72 8.15 4.69
N PHE A 130 0.46 7.78 4.49
CA PHE A 130 -0.39 8.28 3.39
C PHE A 130 -1.41 9.24 3.91
N THR A 131 -1.58 10.34 3.17
CA THR A 131 -2.57 11.33 3.42
C THR A 131 -3.37 11.59 2.20
N LYS A 132 -4.50 12.29 2.41
CA LYS A 132 -5.38 12.61 1.25
C LYS A 132 -4.94 13.86 0.53
N VAL A 133 -4.11 14.72 1.13
CA VAL A 133 -3.49 15.93 0.41
C VAL A 133 -1.96 15.65 0.16
N LYS A 134 -1.44 16.19 -0.97
CA LYS A 134 -0.03 16.49 -1.28
C LYS A 134 0.48 15.17 -1.56
#